data_7YW0
#
_entry.id   7YW0
#
_cell.length_a   77.102
_cell.length_b   77.102
_cell.length_c   79.491
_cell.angle_alpha   90.000
_cell.angle_beta   90.000
_cell.angle_gamma   120.000
#
_symmetry.space_group_name_H-M   'P 63'
#
loop_
_entity.id
_entity.type
_entity.pdbx_description
1 polymer 'Bacterodales T6SS protein TssD (Hcp)'
2 water water
#
_entity_poly.entity_id   1
_entity_poly.type   'polypeptide(L)'
_entity_poly.pdbx_seq_one_letter_code
;MAFRATLSFAGKEFDVLDCTYSLKRDVDSKGRPSSNIYGGQIRLHVESTDDTSILENMTNQFKPHSGSIVFKKGDEEAKM
KELTWENGYITEFTENIDIVGSQPMTITFVVSAQVIKIGGAQFEQNWPK
;
_entity_poly.pdbx_strand_id   A,B
#
# COMPACT_ATOMS: atom_id res chain seq x y z
N PHE A 3 -19.99 -11.26 -3.95
CA PHE A 3 -20.44 -10.96 -5.34
C PHE A 3 -20.21 -9.49 -5.64
N ARG A 4 -20.68 -8.62 -4.73
CA ARG A 4 -20.28 -7.22 -4.70
C ARG A 4 -20.02 -6.80 -3.25
N ALA A 5 -18.91 -6.09 -3.05
CA ALA A 5 -18.53 -5.65 -1.71
C ALA A 5 -18.12 -4.18 -1.73
N THR A 6 -18.70 -3.40 -0.82
CA THR A 6 -18.60 -1.96 -0.83
C THR A 6 -18.11 -1.53 0.55
N LEU A 7 -16.91 -0.93 0.58
CA LEU A 7 -16.35 -0.39 1.80
C LEU A 7 -16.81 1.08 1.94
N SER A 8 -17.35 1.39 3.13
CA SER A 8 -17.59 2.75 3.54
C SER A 8 -16.56 3.13 4.59
N PHE A 9 -15.80 4.16 4.24
CA PHE A 9 -14.58 4.54 4.94
C PHE A 9 -14.26 6.02 4.67
N ALA A 10 -14.05 6.79 5.74
CA ALA A 10 -13.60 8.18 5.58
C ALA A 10 -14.59 9.01 4.76
N GLY A 11 -15.89 8.73 4.91
CA GLY A 11 -16.92 9.46 4.19
C GLY A 11 -16.99 9.16 2.70
N LYS A 12 -16.24 8.15 2.22
CA LYS A 12 -16.26 7.71 0.84
C LYS A 12 -16.58 6.21 0.73
N GLU A 13 -16.90 5.80 -0.50
CA GLU A 13 -17.12 4.41 -0.84
C GLU A 13 -16.08 3.95 -1.85
N PHE A 14 -15.71 2.67 -1.71
CA PHE A 14 -14.69 2.05 -2.53
C PHE A 14 -15.19 0.66 -2.92
N ASP A 15 -14.91 0.27 -4.16
CA ASP A 15 -15.34 -1.05 -4.57
C ASP A 15 -14.30 -2.08 -4.12
N VAL A 16 -14.76 -3.13 -3.45
CA VAL A 16 -13.79 -4.04 -2.86
C VAL A 16 -13.45 -5.13 -3.86
N LEU A 17 -12.16 -5.28 -4.21
CA LEU A 17 -11.79 -6.41 -5.06
C LEU A 17 -11.73 -7.67 -4.20
N ASP A 18 -11.12 -7.56 -3.01
CA ASP A 18 -11.08 -8.73 -2.15
C ASP A 18 -10.87 -8.28 -0.71
N CYS A 19 -11.36 -9.08 0.24
CA CYS A 19 -11.32 -8.77 1.67
C CYS A 19 -11.11 -10.06 2.45
N THR A 20 -10.27 -10.04 3.51
CA THR A 20 -10.13 -11.21 4.35
C THR A 20 -9.87 -10.77 5.78
N TYR A 21 -10.40 -11.52 6.73
CA TYR A 21 -10.15 -11.29 8.15
C TYR A 21 -9.99 -12.65 8.77
N SER A 22 -9.25 -12.70 9.88
CA SER A 22 -8.94 -14.00 10.41
C SER A 22 -8.79 -13.85 11.92
N LEU A 23 -9.07 -14.94 12.64
CA LEU A 23 -8.97 -15.03 14.09
C LEU A 23 -8.40 -16.40 14.40
N LYS A 24 -7.76 -16.54 15.56
CA LYS A 24 -7.00 -17.72 15.90
C LYS A 24 -6.91 -17.87 17.42
N ARG A 25 -6.80 -19.12 17.90
CA ARG A 25 -6.45 -19.43 19.29
C ARG A 25 -5.35 -20.48 19.28
N ASP A 26 -4.41 -20.40 20.22
CA ASP A 26 -3.36 -21.40 20.31
C ASP A 26 -3.91 -22.72 20.84
N VAL A 27 -3.17 -23.81 20.58
CA VAL A 27 -3.50 -25.12 21.11
C VAL A 27 -2.23 -25.74 21.71
N ASP A 28 -2.37 -26.42 22.85
CA ASP A 28 -1.22 -27.06 23.48
C ASP A 28 -0.88 -28.38 22.75
N SER A 29 -0.07 -29.21 23.40
CA SER A 29 0.41 -30.47 22.83
C SER A 29 -0.73 -31.49 22.75
N LYS A 30 -1.54 -31.50 23.82
CA LYS A 30 -2.67 -32.41 23.93
C LYS A 30 -3.79 -31.91 23.03
N GLY A 31 -3.55 -30.76 22.37
CA GLY A 31 -4.46 -30.17 21.40
C GLY A 31 -5.60 -29.38 22.04
N ARG A 32 -5.49 -29.08 23.35
CA ARG A 32 -6.46 -28.25 24.04
C ARG A 32 -6.20 -26.78 23.69
N PRO A 33 -7.24 -25.97 23.41
CA PRO A 33 -7.06 -24.53 23.19
C PRO A 33 -6.39 -23.91 24.43
N SER A 34 -5.39 -23.06 24.19
CA SER A 34 -4.44 -22.68 25.22
C SER A 34 -4.18 -21.17 25.21
N SER A 35 -5.20 -20.41 24.81
CA SER A 35 -5.09 -18.98 24.64
C SER A 35 -6.48 -18.40 24.40
N ASN A 36 -6.61 -17.10 24.61
CA ASN A 36 -7.81 -16.39 24.18
C ASN A 36 -7.71 -16.21 22.66
N ILE A 37 -8.75 -15.63 22.04
CA ILE A 37 -8.77 -15.40 20.60
C ILE A 37 -7.96 -14.14 20.26
N TYR A 38 -7.10 -14.21 19.25
CA TYR A 38 -6.39 -13.01 18.85
C TYR A 38 -6.47 -12.88 17.32
N GLY A 39 -6.00 -11.75 16.80
CA GLY A 39 -6.01 -11.41 15.37
C GLY A 39 -7.16 -10.44 15.09
N GLY A 40 -7.98 -10.71 14.09
CA GLY A 40 -9.10 -9.82 13.75
C GLY A 40 -8.67 -8.61 12.92
N GLN A 41 -7.45 -8.63 12.38
CA GLN A 41 -7.01 -7.64 11.41
C GLN A 41 -7.82 -7.85 10.14
N ILE A 42 -8.23 -6.79 9.46
CA ILE A 42 -8.96 -6.93 8.20
C ILE A 42 -8.05 -6.53 7.02
N ARG A 43 -7.97 -7.36 5.96
CA ARG A 43 -7.07 -6.99 4.88
C ARG A 43 -7.90 -6.62 3.67
N LEU A 44 -7.73 -5.40 3.14
CA LEU A 44 -8.68 -4.97 2.13
C LEU A 44 -7.94 -4.68 0.85
N HIS A 45 -8.62 -4.89 -0.31
CA HIS A 45 -7.98 -4.69 -1.60
C HIS A 45 -8.99 -3.96 -2.47
N VAL A 46 -8.64 -2.75 -2.93
CA VAL A 46 -9.54 -1.83 -3.61
C VAL A 46 -8.81 -1.22 -4.81
N GLU A 47 -9.55 -0.72 -5.79
CA GLU A 47 -8.94 -0.07 -6.93
C GLU A 47 -8.40 1.30 -6.52
N SER A 48 -7.34 1.71 -7.21
CA SER A 48 -6.78 3.05 -7.09
C SER A 48 -7.55 4.03 -7.97
N THR A 49 -7.80 5.25 -7.47
CA THR A 49 -8.21 6.33 -8.37
C THR A 49 -7.28 7.52 -8.14
N ASP A 50 -7.74 8.73 -8.50
CA ASP A 50 -7.02 9.96 -8.19
C ASP A 50 -6.98 10.19 -6.67
N ASP A 51 -7.85 9.47 -5.95
CA ASP A 51 -8.08 9.68 -4.53
C ASP A 51 -6.90 9.13 -3.71
N THR A 52 -6.51 9.82 -2.63
CA THR A 52 -5.45 9.39 -1.72
C THR A 52 -5.95 9.37 -0.29
N SER A 53 -7.26 9.21 -0.13
CA SER A 53 -7.88 9.26 1.20
C SER A 53 -7.39 8.17 2.14
N ILE A 54 -7.27 6.94 1.62
CA ILE A 54 -6.81 5.86 2.48
C ILE A 54 -5.43 6.17 3.04
N LEU A 55 -4.49 6.51 2.14
CA LEU A 55 -3.15 6.81 2.59
C LEU A 55 -3.17 8.01 3.55
N GLU A 56 -3.93 9.06 3.20
CA GLU A 56 -3.96 10.21 4.08
C GLU A 56 -4.41 9.77 5.45
N ASN A 57 -5.37 8.83 5.45
CA ASN A 57 -5.89 8.38 6.73
C ASN A 57 -4.82 7.69 7.54
N MET A 58 -3.89 6.99 6.87
CA MET A 58 -2.77 6.41 7.60
C MET A 58 -1.73 7.50 7.95
N THR A 59 -1.31 8.30 6.97
CA THR A 59 -0.12 9.12 7.21
C THR A 59 -0.46 10.45 7.89
N ASN A 60 -1.59 11.05 7.50
CA ASN A 60 -1.82 12.48 7.76
C ASN A 60 -2.53 12.71 9.10
N GLN A 61 -3.11 11.66 9.70
CA GLN A 61 -3.74 11.83 11.01
C GLN A 61 -3.43 10.65 11.94
N PHE A 62 -3.96 10.70 13.17
CA PHE A 62 -3.56 9.79 14.23
C PHE A 62 -4.76 9.30 15.05
N LYS A 63 -5.97 9.69 14.65
CA LYS A 63 -7.22 9.38 15.36
C LYS A 63 -7.79 8.05 14.87
N PRO A 64 -8.35 7.21 15.77
CA PRO A 64 -8.94 5.93 15.38
C PRO A 64 -10.12 6.21 14.45
N HIS A 65 -10.53 5.20 13.66
CA HIS A 65 -11.71 5.34 12.82
C HIS A 65 -12.57 4.08 12.81
N SER A 66 -13.71 4.17 12.12
CA SER A 66 -14.65 3.08 11.93
C SER A 66 -14.74 2.82 10.44
N GLY A 67 -15.19 1.62 10.09
CA GLY A 67 -15.51 1.39 8.70
C GLY A 67 -16.52 0.27 8.56
N SER A 68 -16.94 0.07 7.32
CA SER A 68 -18.10 -0.75 7.06
C SER A 68 -17.88 -1.45 5.73
N ILE A 69 -17.96 -2.80 5.69
CA ILE A 69 -18.03 -3.43 4.38
C ILE A 69 -19.39 -4.12 4.25
N VAL A 70 -20.08 -3.83 3.15
CA VAL A 70 -21.37 -4.42 2.85
C VAL A 70 -21.20 -5.40 1.70
N PHE A 71 -21.59 -6.65 1.96
CA PHE A 71 -21.55 -7.69 0.94
C PHE A 71 -22.94 -7.93 0.38
N LYS A 72 -23.03 -8.00 -0.95
CA LYS A 72 -24.29 -8.12 -1.66
C LYS A 72 -24.27 -9.33 -2.59
N LYS A 73 -25.46 -9.74 -3.09
CA LYS A 73 -25.58 -10.79 -4.08
C LYS A 73 -26.58 -10.36 -5.15
N GLY A 74 -26.09 -10.20 -6.39
CA GLY A 74 -26.87 -9.69 -7.50
C GLY A 74 -27.08 -8.18 -7.39
N ALA A 78 -29.67 -6.78 -2.52
CA ALA A 78 -30.01 -7.16 -1.13
C ALA A 78 -28.72 -7.36 -0.32
N LYS A 79 -28.63 -6.68 0.83
CA LYS A 79 -27.50 -6.78 1.74
C LYS A 79 -27.47 -8.17 2.38
N MET A 80 -26.40 -8.94 2.09
CA MET A 80 -26.22 -10.29 2.58
C MET A 80 -25.73 -10.27 4.04
N LYS A 81 -24.74 -9.41 4.33
CA LYS A 81 -24.21 -9.22 5.67
C LYS A 81 -23.15 -8.12 5.61
N GLU A 82 -22.64 -7.72 6.78
CA GLU A 82 -21.91 -6.47 6.86
C GLU A 82 -20.86 -6.57 7.96
N LEU A 83 -19.59 -6.43 7.57
CA LEU A 83 -18.45 -6.44 8.48
C LEU A 83 -18.18 -4.98 8.82
N THR A 84 -18.16 -4.69 10.13
CA THR A 84 -17.87 -3.34 10.55
C THR A 84 -16.69 -3.39 11.52
N TRP A 85 -15.96 -2.31 11.57
CA TRP A 85 -14.95 -2.24 12.62
C TRP A 85 -15.11 -0.93 13.38
N GLU A 86 -14.54 -0.89 14.58
CA GLU A 86 -14.64 0.30 15.39
C GLU A 86 -13.31 0.50 16.08
N ASN A 87 -12.86 1.76 16.11
CA ASN A 87 -11.63 2.11 16.84
C ASN A 87 -10.46 1.42 16.14
N GLY A 88 -10.32 1.67 14.84
CA GLY A 88 -9.20 1.05 14.16
C GLY A 88 -8.21 2.04 13.53
N TYR A 89 -7.10 1.47 13.07
CA TYR A 89 -5.95 2.16 12.53
C TYR A 89 -5.39 1.37 11.36
N ILE A 90 -4.92 2.07 10.34
CA ILE A 90 -4.39 1.39 9.17
C ILE A 90 -2.93 1.07 9.48
N THR A 91 -2.59 -0.22 9.49
CA THR A 91 -1.26 -0.58 9.97
C THR A 91 -0.40 -1.12 8.84
N GLU A 92 -0.94 -1.13 7.61
CA GLU A 92 -0.16 -1.63 6.51
C GLU A 92 -0.85 -1.13 5.26
N PHE A 93 -0.07 -0.54 4.34
CA PHE A 93 -0.54 0.06 3.10
C PHE A 93 0.46 -0.29 2.01
N THR A 94 -0.07 -0.64 0.83
CA THR A 94 0.72 -0.83 -0.37
C THR A 94 -0.09 -0.34 -1.55
N GLU A 95 0.53 0.39 -2.46
CA GLU A 95 -0.20 0.68 -3.70
C GLU A 95 0.68 0.16 -4.80
N ASN A 96 0.07 -0.43 -5.82
CA ASN A 96 0.85 -1.07 -6.86
C ASN A 96 0.25 -0.74 -8.22
N ILE A 97 1.10 -0.41 -9.19
CA ILE A 97 0.70 -0.25 -10.58
C ILE A 97 1.50 -1.27 -11.38
N ASP A 98 0.83 -1.90 -12.33
CA ASP A 98 1.42 -2.96 -13.12
C ASP A 98 0.70 -2.99 -14.46
N ILE A 99 1.36 -2.45 -15.49
CA ILE A 99 0.75 -2.33 -16.80
C ILE A 99 0.66 -3.72 -17.43
N VAL A 100 -0.19 -4.56 -16.82
CA VAL A 100 -0.52 -5.90 -17.28
C VAL A 100 -1.98 -6.21 -16.91
N GLN A 103 -5.29 -6.71 -12.47
CA GLN A 103 -5.87 -5.40 -12.06
C GLN A 103 -4.76 -4.36 -12.06
N PRO A 104 -4.84 -3.31 -12.93
CA PRO A 104 -3.69 -2.47 -13.25
C PRO A 104 -3.16 -1.69 -12.04
N MET A 105 -4.07 -1.02 -11.31
CA MET A 105 -3.62 -0.13 -10.24
C MET A 105 -4.50 -0.29 -9.01
N THR A 106 -3.92 -0.62 -7.85
CA THR A 106 -4.77 -1.03 -6.74
C THR A 106 -4.04 -0.71 -5.45
N ILE A 107 -4.77 -0.71 -4.34
CA ILE A 107 -4.28 -0.53 -2.98
C ILE A 107 -4.60 -1.77 -2.15
N THR A 108 -3.64 -2.25 -1.35
CA THR A 108 -3.93 -3.28 -0.38
C THR A 108 -3.56 -2.68 0.96
N PHE A 109 -4.48 -2.69 1.94
CA PHE A 109 -4.16 -2.13 3.25
C PHE A 109 -4.82 -3.01 4.29
N VAL A 110 -4.35 -2.92 5.54
CA VAL A 110 -4.81 -3.73 6.66
C VAL A 110 -5.28 -2.77 7.75
N VAL A 111 -6.44 -3.05 8.36
CA VAL A 111 -6.94 -2.30 9.50
C VAL A 111 -6.77 -3.17 10.74
N SER A 112 -6.25 -2.57 11.81
CA SER A 112 -6.19 -3.20 13.11
C SER A 112 -7.16 -2.42 14.02
N ALA A 113 -8.19 -3.11 14.52
CA ALA A 113 -9.31 -2.46 15.20
C ALA A 113 -9.60 -3.15 16.51
N GLN A 114 -10.07 -2.37 17.49
CA GLN A 114 -10.40 -2.92 18.79
C GLN A 114 -11.66 -3.79 18.72
N VAL A 115 -12.60 -3.46 17.83
CA VAL A 115 -13.83 -4.21 17.74
C VAL A 115 -14.13 -4.48 16.27
N ILE A 116 -14.43 -5.75 15.96
CA ILE A 116 -15.00 -6.06 14.65
C ILE A 116 -16.31 -6.78 14.91
N LYS A 117 -17.25 -6.57 13.99
CA LYS A 117 -18.57 -7.15 14.14
C LYS A 117 -19.04 -7.57 12.74
N ILE A 118 -19.76 -8.68 12.67
CA ILE A 118 -20.41 -9.10 11.44
C ILE A 118 -21.56 -10.05 11.85
N GLY A 119 -22.71 -9.96 11.14
CA GLY A 119 -23.96 -10.58 11.56
C GLY A 119 -24.10 -10.50 13.07
N GLY A 120 -24.19 -11.66 13.73
CA GLY A 120 -24.33 -11.75 15.18
C GLY A 120 -23.02 -11.85 15.94
N ALA A 121 -21.87 -11.92 15.22
CA ALA A 121 -20.60 -12.11 15.90
C ALA A 121 -20.00 -10.76 16.29
N GLN A 122 -19.27 -10.75 17.43
CA GLN A 122 -18.50 -9.59 17.84
C GLN A 122 -17.15 -10.05 18.36
N PHE A 123 -16.07 -9.44 17.85
CA PHE A 123 -14.79 -9.69 18.47
C PHE A 123 -14.17 -8.38 18.94
N GLU A 124 -13.60 -8.41 20.15
CA GLU A 124 -13.22 -7.21 20.87
C GLU A 124 -11.87 -7.49 21.54
N GLN A 125 -10.87 -6.65 21.22
CA GLN A 125 -9.51 -6.83 21.74
C GLN A 125 -9.42 -6.31 23.17
N ASN A 126 -8.39 -6.79 23.88
CA ASN A 126 -7.99 -6.34 25.21
C ASN A 126 -7.12 -5.10 25.09
N TRP A 127 -7.73 -3.90 25.05
CA TRP A 127 -7.02 -2.64 25.16
C TRP A 127 -7.55 -1.88 26.39
N PHE B 3 -2.70 2.51 -16.00
CA PHE B 3 -2.74 2.46 -17.48
C PHE B 3 -1.38 2.86 -18.04
N ARG B 4 -0.86 4.02 -17.61
CA ARG B 4 0.46 4.48 -18.02
C ARG B 4 1.12 5.21 -16.85
N ALA B 5 2.41 4.90 -16.63
CA ALA B 5 3.17 5.55 -15.58
C ALA B 5 4.53 6.00 -16.12
N THR B 6 4.87 7.26 -15.83
CA THR B 6 6.07 7.92 -16.36
C THR B 6 6.91 8.41 -15.19
N LEU B 7 8.12 7.84 -15.07
CA LEU B 7 9.07 8.29 -14.07
C LEU B 7 9.92 9.41 -14.68
N SER B 8 10.01 10.53 -13.96
CA SER B 8 10.95 11.60 -14.24
C SER B 8 12.04 11.55 -13.18
N PHE B 9 13.26 11.26 -13.66
CA PHE B 9 14.43 11.03 -12.84
C PHE B 9 15.71 11.39 -13.61
N ALA B 10 16.63 12.11 -12.97
CA ALA B 10 17.93 12.43 -13.54
C ALA B 10 17.79 13.20 -14.86
N GLY B 11 16.77 14.05 -14.99
CA GLY B 11 16.55 14.83 -16.20
C GLY B 11 16.06 14.00 -17.39
N LYS B 12 15.71 12.72 -17.18
CA LYS B 12 15.16 11.86 -18.21
C LYS B 12 13.79 11.29 -17.79
N GLU B 13 13.09 10.71 -18.77
CA GLU B 13 11.83 10.02 -18.55
C GLU B 13 11.98 8.56 -18.92
N PHE B 14 11.27 7.70 -18.17
CA PHE B 14 11.32 6.26 -18.33
C PHE B 14 9.89 5.73 -18.24
N ASP B 15 9.59 4.75 -19.08
CA ASP B 15 8.26 4.18 -19.03
C ASP B 15 8.21 3.16 -17.89
N VAL B 16 7.20 3.28 -17.03
CA VAL B 16 7.20 2.40 -15.88
C VAL B 16 6.42 1.13 -16.22
N LEU B 17 7.08 -0.04 -16.14
CA LEU B 17 6.34 -1.28 -16.29
C LEU B 17 5.56 -1.55 -15.02
N ASP B 18 6.21 -1.39 -13.85
CA ASP B 18 5.48 -1.60 -12.62
C ASP B 18 6.15 -0.83 -11.48
N CYS B 19 5.34 -0.36 -10.53
CA CYS B 19 5.80 0.45 -9.42
C CYS B 19 5.02 0.04 -8.17
N THR B 20 5.69 -0.06 -7.01
CA THR B 20 5.01 -0.28 -5.75
C THR B 20 5.73 0.51 -4.66
N TYR B 21 4.97 0.99 -3.70
CA TYR B 21 5.48 1.63 -2.51
C TYR B 21 4.60 1.13 -1.40
N SER B 22 5.16 1.03 -0.21
CA SER B 22 4.41 0.47 0.88
C SER B 22 4.91 1.15 2.15
N LEU B 23 4.08 1.08 3.20
CA LEU B 23 4.32 1.62 4.54
C LEU B 23 3.64 0.67 5.50
N LYS B 24 4.13 0.64 6.75
CA LYS B 24 3.58 -0.20 7.78
C LYS B 24 3.89 0.33 9.18
N ARG B 25 3.11 -0.15 10.16
CA ARG B 25 3.33 0.08 11.58
C ARG B 25 3.19 -1.23 12.32
N ASP B 26 3.98 -1.44 13.35
CA ASP B 26 3.87 -2.64 14.12
C ASP B 26 2.69 -2.59 15.05
N VAL B 27 2.32 -3.77 15.52
CA VAL B 27 1.24 -3.91 16.45
C VAL B 27 1.71 -4.74 17.62
N ASP B 28 0.98 -4.74 18.71
CA ASP B 28 1.39 -5.58 19.81
C ASP B 28 0.44 -6.76 19.83
N SER B 29 0.14 -7.30 21.01
CA SER B 29 -0.73 -8.46 21.12
C SER B 29 -2.20 -8.12 20.81
N ARG B 32 -2.96 -3.76 18.86
CA ARG B 32 -2.84 -2.29 19.09
C ARG B 32 -1.56 -1.77 18.43
N PRO B 33 -1.64 -0.69 17.61
CA PRO B 33 -0.46 -0.17 16.93
C PRO B 33 0.60 0.24 17.95
N SER B 34 1.85 -0.11 17.66
CA SER B 34 2.89 -0.11 18.67
C SER B 34 4.20 0.48 18.11
N SER B 35 4.07 1.41 17.14
CA SER B 35 5.23 1.93 16.43
C SER B 35 4.83 3.11 15.57
N ASN B 36 5.80 3.93 15.17
CA ASN B 36 5.54 4.94 14.16
C ASN B 36 5.54 4.25 12.80
N ILE B 37 5.26 4.99 11.72
CA ILE B 37 5.17 4.40 10.39
C ILE B 37 6.56 4.27 9.78
N TYR B 38 6.87 3.12 9.19
CA TYR B 38 8.17 3.00 8.56
C TYR B 38 7.99 2.38 7.18
N GLY B 39 9.09 2.35 6.41
CA GLY B 39 9.11 1.88 5.02
C GLY B 39 9.07 3.08 4.09
N GLY B 40 8.17 3.06 3.09
CA GLY B 40 8.13 4.18 2.14
C GLY B 40 9.21 4.08 1.07
N GLN B 41 9.84 2.90 0.96
CA GLN B 41 10.73 2.58 -0.15
C GLN B 41 9.84 2.48 -1.39
N ILE B 42 10.35 2.93 -2.53
CA ILE B 42 9.62 2.85 -3.78
C ILE B 42 10.32 1.82 -4.68
N ARG B 43 9.57 0.89 -5.30
CA ARG B 43 10.24 -0.12 -6.08
C ARG B 43 9.84 0.10 -7.52
N LEU B 44 10.82 0.31 -8.41
CA LEU B 44 10.45 0.70 -9.75
C LEU B 44 10.97 -0.33 -10.73
N HIS B 45 10.23 -0.55 -11.84
CA HIS B 45 10.57 -1.53 -12.86
C HIS B 45 10.35 -0.84 -14.20
N VAL B 46 11.43 -0.68 -14.98
CA VAL B 46 11.50 0.11 -16.19
C VAL B 46 12.26 -0.65 -17.28
N GLU B 47 12.04 -0.27 -18.55
CA GLU B 47 12.75 -0.94 -19.62
C GLU B 47 14.19 -0.43 -19.66
N SER B 48 15.10 -1.33 -20.07
CA SER B 48 16.49 -0.97 -20.35
C SER B 48 16.61 -0.38 -21.75
N THR B 49 17.46 0.63 -21.91
CA THR B 49 17.88 1.05 -23.25
C THR B 49 19.40 1.11 -23.29
N ASP B 50 19.95 1.91 -24.22
CA ASP B 50 21.38 2.20 -24.25
C ASP B 50 21.80 2.98 -23.02
N ASP B 51 20.82 3.53 -22.30
CA ASP B 51 21.01 4.39 -21.14
C ASP B 51 21.55 3.62 -19.94
N THR B 52 22.46 4.26 -19.18
CA THR B 52 22.98 3.74 -17.91
C THR B 52 22.80 4.78 -16.82
N SER B 53 21.85 5.71 -17.03
CA SER B 53 21.64 6.79 -16.07
C SER B 53 21.26 6.32 -14.66
N ILE B 54 20.36 5.34 -14.59
CA ILE B 54 19.91 4.91 -13.27
C ILE B 54 21.11 4.36 -12.50
N LEU B 55 21.84 3.41 -13.12
CA LEU B 55 22.98 2.85 -12.43
C LEU B 55 24.02 3.93 -12.12
N GLU B 56 24.27 4.83 -13.07
CA GLU B 56 25.29 5.84 -12.79
C GLU B 56 24.86 6.60 -11.55
N ASN B 57 23.55 6.81 -11.45
CA ASN B 57 23.07 7.60 -10.33
C ASN B 57 23.32 6.86 -9.02
N MET B 58 23.29 5.52 -9.06
CA MET B 58 23.63 4.78 -7.87
C MET B 58 25.15 4.75 -7.66
N THR B 59 25.92 4.39 -8.69
CA THR B 59 27.32 4.07 -8.45
C THR B 59 28.20 5.34 -8.48
N ASN B 60 27.89 6.27 -9.38
CA ASN B 60 28.87 7.27 -9.79
C ASN B 60 28.75 8.55 -8.98
N GLN B 61 27.66 8.73 -8.23
CA GLN B 61 27.57 9.91 -7.36
C GLN B 61 27.01 9.54 -5.98
N PHE B 62 26.93 10.55 -5.10
CA PHE B 62 26.68 10.30 -3.68
C PHE B 62 25.64 11.28 -3.12
N LYS B 63 25.12 12.19 -3.96
CA LYS B 63 24.23 13.27 -3.57
C LYS B 63 22.77 12.78 -3.62
N PRO B 64 21.92 13.17 -2.65
CA PRO B 64 20.51 12.73 -2.64
C PRO B 64 19.82 13.28 -3.89
N HIS B 65 18.70 12.66 -4.30
CA HIS B 65 17.96 13.18 -5.46
C HIS B 65 16.45 13.15 -5.22
N SER B 66 15.73 13.70 -6.20
CA SER B 66 14.28 13.74 -6.22
C SER B 66 13.81 12.95 -7.43
N GLY B 67 12.56 12.50 -7.39
CA GLY B 67 11.98 11.95 -8.59
C GLY B 67 10.48 12.07 -8.56
N SER B 68 9.86 11.69 -9.67
CA SER B 68 8.48 11.99 -9.92
C SER B 68 7.89 10.83 -10.70
N ILE B 69 6.80 10.20 -10.20
CA ILE B 69 6.09 9.28 -11.07
C ILE B 69 4.69 9.83 -11.34
N VAL B 70 4.31 9.91 -12.62
CA VAL B 70 3.00 10.40 -13.03
C VAL B 70 2.18 9.23 -13.54
N PHE B 71 1.01 9.01 -12.93
CA PHE B 71 0.10 7.95 -13.34
C PHE B 71 -1.04 8.53 -14.18
N LYS B 72 -1.35 7.87 -15.30
CA LYS B 72 -2.30 8.39 -16.27
C LYS B 72 -3.36 7.34 -16.59
N LYS B 73 -4.48 7.77 -17.20
CA LYS B 73 -5.55 6.88 -17.64
C LYS B 73 -6.04 7.36 -19.01
N GLY B 74 -5.88 6.49 -20.03
CA GLY B 74 -6.47 6.70 -21.34
C GLY B 74 -5.77 7.78 -22.17
N ASP B 75 -5.58 8.97 -21.58
CA ASP B 75 -5.17 10.17 -22.31
C ASP B 75 -4.02 10.87 -21.57
N ALA B 78 -6.52 12.74 -17.97
CA ALA B 78 -5.15 13.29 -17.95
C ALA B 78 -4.35 12.64 -16.82
N LYS B 79 -3.61 13.48 -16.09
CA LYS B 79 -2.83 13.06 -14.93
C LYS B 79 -3.76 12.68 -13.79
N MET B 80 -3.70 11.41 -13.39
CA MET B 80 -4.57 10.85 -12.36
C MET B 80 -4.05 11.20 -10.96
N LYS B 81 -2.73 11.06 -10.78
CA LYS B 81 -2.03 11.46 -9.55
C LYS B 81 -0.55 11.22 -9.73
N GLU B 82 0.25 11.65 -8.74
CA GLU B 82 1.68 11.77 -8.95
C GLU B 82 2.39 11.52 -7.62
N LEU B 83 3.25 10.50 -7.61
CA LEU B 83 4.08 10.14 -6.47
C LEU B 83 5.42 10.84 -6.70
N THR B 84 5.85 11.60 -5.70
CA THR B 84 7.14 12.26 -5.77
C THR B 84 7.96 11.86 -4.56
N TRP B 85 9.27 11.84 -4.75
CA TRP B 85 10.11 11.65 -3.58
C TRP B 85 11.12 12.78 -3.50
N GLU B 86 11.67 12.96 -2.30
CA GLU B 86 12.64 14.01 -2.10
C GLU B 86 13.72 13.45 -1.18
N ASN B 87 14.98 13.78 -1.51
CA ASN B 87 16.09 13.43 -0.66
C ASN B 87 16.24 11.91 -0.63
N GLY B 88 16.33 11.30 -1.81
CA GLY B 88 16.45 9.86 -1.82
C GLY B 88 17.72 9.34 -2.50
N TYR B 89 17.92 8.03 -2.35
CA TYR B 89 19.09 7.28 -2.77
C TYR B 89 18.64 5.95 -3.33
N ILE B 90 19.32 5.50 -4.38
CA ILE B 90 18.99 4.20 -4.95
C ILE B 90 19.71 3.15 -4.12
N THR B 91 18.98 2.26 -3.48
CA THR B 91 19.60 1.37 -2.53
C THR B 91 19.53 -0.08 -3.01
N GLU B 92 18.97 -0.28 -4.20
CA GLU B 92 18.96 -1.61 -4.73
C GLU B 92 18.74 -1.47 -6.23
N PHE B 93 19.56 -2.17 -7.00
CA PHE B 93 19.53 -2.17 -8.45
C PHE B 93 19.79 -3.60 -8.93
N THR B 94 19.05 -4.00 -9.96
CA THR B 94 19.25 -5.23 -10.68
C THR B 94 18.90 -4.96 -12.14
N GLU B 95 19.72 -5.45 -13.07
CA GLU B 95 19.30 -5.38 -14.47
C GLU B 95 19.28 -6.80 -14.97
N ASN B 96 18.29 -7.14 -15.81
CA ASN B 96 18.17 -8.52 -16.27
C ASN B 96 17.91 -8.53 -17.78
N ILE B 97 18.56 -9.45 -18.50
CA ILE B 97 18.33 -9.69 -19.93
C ILE B 97 17.85 -11.13 -20.06
N ASP B 98 16.87 -11.36 -20.86
CA ASP B 98 16.35 -12.67 -20.99
C ASP B 98 15.63 -12.85 -22.28
N ILE B 99 16.17 -13.53 -23.25
CA ILE B 99 15.45 -13.70 -24.47
C ILE B 99 14.17 -14.56 -24.33
N VAL B 100 13.06 -13.98 -23.84
CA VAL B 100 11.82 -14.67 -23.55
C VAL B 100 10.69 -13.65 -23.33
N GLN B 103 9.24 -9.40 -20.74
CA GLN B 103 9.95 -8.15 -21.10
C GLN B 103 11.44 -8.45 -21.19
N PRO B 104 12.08 -8.26 -22.37
CA PRO B 104 13.41 -8.82 -22.64
C PRO B 104 14.50 -8.27 -21.73
N MET B 105 14.59 -6.94 -21.62
CA MET B 105 15.68 -6.34 -20.90
C MET B 105 15.16 -5.23 -20.00
N THR B 106 15.41 -5.31 -18.67
CA THR B 106 14.73 -4.36 -17.81
C THR B 106 15.63 -4.10 -16.60
N ILE B 107 15.29 -3.04 -15.86
CA ILE B 107 15.92 -2.67 -14.60
C ILE B 107 14.88 -2.69 -13.48
N THR B 108 15.25 -3.24 -12.31
CA THR B 108 14.41 -3.11 -11.15
C THR B 108 15.27 -2.43 -10.10
N PHE B 109 14.82 -1.30 -9.56
CA PHE B 109 15.58 -0.59 -8.56
C PHE B 109 14.65 -0.04 -7.48
N VAL B 110 15.21 0.22 -6.29
CA VAL B 110 14.48 0.67 -5.12
C VAL B 110 15.06 2.03 -4.72
N VAL B 111 14.19 3.00 -4.42
CA VAL B 111 14.60 4.30 -3.90
C VAL B 111 14.23 4.32 -2.41
N SER B 112 15.19 4.76 -1.60
CA SER B 112 14.92 5.04 -0.20
C SER B 112 15.04 6.56 0.01
N ALA B 113 13.93 7.21 0.40
CA ALA B 113 13.87 8.66 0.42
C ALA B 113 13.34 9.15 1.77
N GLN B 114 13.80 10.35 2.17
CA GLN B 114 13.30 10.95 3.40
C GLN B 114 11.83 11.36 3.28
N VAL B 115 11.38 11.79 2.11
CA VAL B 115 10.01 12.27 1.96
C VAL B 115 9.41 11.64 0.71
N ILE B 116 8.21 11.09 0.84
CA ILE B 116 7.42 10.74 -0.32
C ILE B 116 6.09 11.47 -0.21
N LYS B 117 5.50 11.82 -1.35
CA LYS B 117 4.27 12.56 -1.37
C LYS B 117 3.45 12.06 -2.55
N ILE B 118 2.14 12.00 -2.37
CA ILE B 118 1.24 11.65 -3.47
C ILE B 118 -0.14 12.22 -3.09
N GLY B 119 -0.91 12.71 -4.09
CA GLY B 119 -2.14 13.47 -3.84
C GLY B 119 -1.96 14.40 -2.64
N GLY B 120 -2.80 14.21 -1.60
CA GLY B 120 -2.71 14.99 -0.38
C GLY B 120 -1.86 14.36 0.71
N ALA B 121 -1.30 13.16 0.48
CA ALA B 121 -0.56 12.48 1.54
C ALA B 121 0.91 12.87 1.51
N GLN B 122 1.54 12.88 2.69
CA GLN B 122 2.97 13.09 2.82
C GLN B 122 3.54 12.09 3.82
N PHE B 123 4.62 11.39 3.44
CA PHE B 123 5.31 10.62 4.46
C PHE B 123 6.77 11.07 4.57
N GLU B 124 7.25 11.23 5.81
CA GLU B 124 8.53 11.86 6.05
C GLU B 124 9.24 11.06 7.13
N GLN B 125 10.46 10.65 6.87
CA GLN B 125 11.24 9.88 7.80
C GLN B 125 11.95 10.69 8.86
N ASN B 126 12.20 10.02 9.96
CA ASN B 126 12.91 10.54 11.11
C ASN B 126 14.39 10.58 10.82
N TRP B 127 14.91 11.66 10.29
CA TRP B 127 16.32 11.68 10.01
C TRP B 127 17.05 12.77 10.81
#